data_6BR5
#
_entry.id   6BR5
#
_cell.length_a   110.056
_cell.length_b   110.056
_cell.length_c   70.081
_cell.angle_alpha   90.000
_cell.angle_beta   90.000
_cell.angle_gamma   90.000
#
_symmetry.space_group_name_H-M   'P 4 21 2'
#
loop_
_entity.id
_entity.type
_entity.pdbx_description
1 polymer Neuraminidase
2 branched 2-acetamido-2-deoxy-beta-D-glucopyranose-(1-4)-2-acetamido-2-deoxy-beta-D-glucopyranose
3 branched alpha-D-mannopyranose-(1-2)-alpha-D-mannopyranose-(1-3)-[alpha-D-mannopyranose-(1-6)]beta-D-mannopyranose-(1-4)-2-acetamido-2-deoxy-beta-D-glucopyranose-(1-4)-2-acetamido-2-deoxy-beta-D-glucopyranose
4 non-polymer 2-acetamido-2-deoxy-beta-D-glucopyranose
5 non-polymer 'CALCIUM ION'
6 non-polymer GLYCEROL
7 non-polymer (1R)-4-acetamido-1,5-anhydro-3-carbamimidamido-2,3,4-trideoxy-1-sulfo-D-glycero-D-galacto-octitol
8 water water
#
_entity_poly.entity_id   1
_entity_poly.type   'polypeptide(L)'
_entity_poly.pdbx_seq_one_letter_code
;EYRNWSKPQCDITGFAPFSKDNSIRLSAGGDIWVTREPYVSCDPDKCYQFALGQGTTLNNVHSNNTVRDRTPYRTLLMNE
LGVPFHLGTKQVCIAWSSSSCHDGKAWLHVCITGDDKNATASFIYNGRLVDSVVSWSKEILRTQESECVCINGTCTVVMT
DGSASGKADTKILFIEEGKIVHTSTLSGSAQHVEECSCYPRYPGVRCVCRDNWKGSNRPIVDINIKDHSIVSSYVCSGLV
GDTPRKNDSSSSSHCLDPNNEEGGHGVKGWAFDDGNDVWMGRTISEKSRLGYETFKVIEGWSNPKSKLQINRQVIVDRGN
RSGYSGIFSVEGKSCINRCFYVELIRGRKEETEVLWTSNSIVVFCGTSGTYGTGSWPDGADINLMPI
;
_entity_poly.pdbx_strand_id   A
#
# COMPACT_ATOMS: atom_id res chain seq x y z
N GLU A 1 5.31 8.17 25.25
CA GLU A 1 6.13 7.35 24.37
C GLU A 1 5.29 6.67 23.28
N TYR A 2 4.10 6.18 23.62
CA TYR A 2 3.21 5.63 22.60
C TYR A 2 2.68 6.74 21.69
N ARG A 3 2.73 6.51 20.38
CA ARG A 3 2.07 7.42 19.45
C ARG A 3 0.55 7.33 19.63
N ASN A 4 -0.09 8.50 19.68
CA ASN A 4 -1.55 8.57 19.66
C ASN A 4 -2.13 9.23 18.41
N TRP A 5 -1.32 9.95 17.63
CA TRP A 5 -1.77 10.63 16.41
C TRP A 5 -2.96 11.55 16.69
N SER A 6 -3.03 12.10 17.89
CA SER A 6 -4.17 12.93 18.31
C SER A 6 -4.00 14.38 17.90
N LYS A 7 -3.67 14.61 16.63
CA LYS A 7 -3.60 15.95 16.07
C LYS A 7 -4.43 16.00 14.79
N PRO A 8 -4.95 17.18 14.43
CA PRO A 8 -5.76 17.26 13.22
C PRO A 8 -4.91 16.93 12.00
N GLN A 9 -5.60 16.51 10.93
CA GLN A 9 -4.93 16.31 9.65
C GLN A 9 -4.43 17.65 9.11
N CYS A 10 -3.21 17.64 8.58
CA CYS A 10 -2.65 18.87 8.03
C CYS A 10 -3.50 19.39 6.88
N ASP A 11 -3.52 20.72 6.72
CA ASP A 11 -4.00 21.29 5.47
C ASP A 11 -3.19 20.73 4.32
N ILE A 12 -3.87 20.39 3.23
CA ILE A 12 -3.23 19.80 2.07
C ILE A 12 -3.70 20.54 0.83
N THR A 13 -2.77 21.12 0.09
CA THR A 13 -3.04 21.72 -1.20
C THR A 13 -2.70 20.78 -2.34
N GLY A 14 -2.05 19.68 -2.05
CA GLY A 14 -1.39 18.84 -3.02
C GLY A 14 -0.22 18.15 -2.34
N PHE A 15 0.69 17.62 -3.17
CA PHE A 15 1.83 16.86 -2.67
C PHE A 15 3.12 17.37 -3.29
N ALA A 16 4.20 17.29 -2.53
CA ALA A 16 5.50 17.76 -3.00
C ALA A 16 6.48 16.58 -3.01
N PRO A 17 7.45 16.61 -3.91
CA PRO A 17 8.42 15.51 -3.99
C PRO A 17 9.13 15.30 -2.66
N PHE A 18 9.28 14.04 -2.27
CA PHE A 18 9.90 13.68 -1.01
C PHE A 18 11.07 12.72 -1.15
N SER A 19 10.97 11.67 -1.96
CA SER A 19 12.06 10.71 -2.06
C SER A 19 11.93 9.88 -3.33
N LYS A 20 13.07 9.42 -3.84
CA LYS A 20 13.14 8.51 -4.98
C LYS A 20 14.41 7.68 -4.80
N ASP A 21 14.38 6.39 -5.17
CA ASP A 21 15.57 5.58 -4.94
C ASP A 21 16.28 5.08 -6.19
N ASN A 22 15.68 5.21 -7.39
CA ASN A 22 16.39 4.89 -8.63
C ASN A 22 16.96 3.47 -8.65
N SER A 23 16.31 2.54 -7.94
CA SER A 23 16.93 1.26 -7.65
C SER A 23 17.19 0.44 -8.92
N ILE A 24 16.34 0.54 -9.94
CA ILE A 24 16.57 -0.28 -11.13
C ILE A 24 17.73 0.28 -11.93
N ARG A 25 17.80 1.60 -12.08
CA ARG A 25 18.93 2.20 -12.76
C ARG A 25 20.23 1.83 -12.06
N LEU A 26 20.24 1.83 -10.72
CA LEU A 26 21.43 1.41 -9.98
C LEU A 26 21.71 -0.06 -10.20
N SER A 27 20.66 -0.90 -10.27
CA SER A 27 20.82 -2.35 -10.42
C SER A 27 21.73 -2.74 -11.58
N ALA A 28 21.83 -1.90 -12.61
CA ALA A 28 22.65 -2.22 -13.77
C ALA A 28 24.15 -2.05 -13.53
N GLY A 29 24.54 -1.42 -12.42
CA GLY A 29 25.94 -1.19 -12.12
C GLY A 29 26.12 -1.23 -10.62
N GLY A 30 25.72 -2.34 -10.05
CA GLY A 30 25.72 -2.53 -8.60
C GLY A 30 24.84 -3.70 -8.25
N ASP A 31 25.02 -4.19 -7.01
CA ASP A 31 24.26 -5.34 -6.54
C ASP A 31 23.05 -4.83 -5.74
N ILE A 32 21.86 -4.96 -6.31
CA ILE A 32 20.64 -4.41 -5.74
C ILE A 32 19.59 -5.52 -5.67
N TRP A 33 18.82 -5.53 -4.58
CA TRP A 33 17.82 -6.57 -4.41
C TRP A 33 16.75 -6.51 -5.48
N VAL A 34 16.24 -7.67 -5.88
CA VAL A 34 14.98 -7.75 -6.62
C VAL A 34 13.83 -7.66 -5.63
N THR A 35 12.86 -6.80 -5.90
CA THR A 35 11.80 -6.54 -4.94
C THR A 35 10.46 -6.45 -5.65
N ARG A 36 9.41 -6.42 -4.84
CA ARG A 36 8.13 -5.83 -5.22
C ARG A 36 7.34 -5.59 -3.94
N GLU A 37 6.18 -4.96 -4.10
CA GLU A 37 5.29 -4.59 -3.01
C GLU A 37 6.02 -3.73 -1.98
N PRO A 38 6.60 -2.61 -2.38
CA PRO A 38 7.28 -1.73 -1.43
C PRO A 38 6.26 -0.92 -0.64
N TYR A 39 6.75 -0.29 0.43
CA TYR A 39 5.99 0.71 1.16
C TYR A 39 6.94 1.52 2.02
N VAL A 40 6.38 2.49 2.73
CA VAL A 40 7.14 3.39 3.58
C VAL A 40 6.42 3.51 4.92
N SER A 41 7.19 3.49 6.00
CA SER A 41 6.66 3.76 7.34
C SER A 41 7.78 4.44 8.10
N CYS A 42 7.40 5.27 9.07
CA CYS A 42 8.38 6.12 9.75
C CYS A 42 8.25 5.91 11.25
N ASP A 43 9.38 5.85 11.95
CA ASP A 43 9.35 5.96 13.40
C ASP A 43 9.23 7.45 13.72
N PRO A 44 9.13 7.82 15.01
CA PRO A 44 8.92 9.24 15.32
C PRO A 44 10.01 10.16 14.77
N ASP A 45 11.19 9.63 14.41
CA ASP A 45 12.31 10.45 13.95
C ASP A 45 12.46 10.48 12.44
N LYS A 46 12.37 9.33 11.78
CA LYS A 46 12.71 9.23 10.37
C LYS A 46 11.93 8.11 9.72
N CYS A 47 11.93 8.14 8.40
CA CYS A 47 11.18 7.21 7.56
C CYS A 47 12.07 6.09 7.04
N TYR A 48 11.45 4.95 6.78
CA TYR A 48 12.10 3.76 6.27
C TYR A 48 11.35 3.26 5.04
N GLN A 49 12.08 2.72 4.07
CA GLN A 49 11.45 2.05 2.95
C GLN A 49 11.57 0.55 3.13
N PHE A 50 10.46 -0.13 2.85
CA PHE A 50 10.29 -1.57 2.98
C PHE A 50 9.98 -2.15 1.61
N ALA A 51 10.28 -3.44 1.45
CA ALA A 51 9.77 -4.14 0.27
C ALA A 51 9.96 -5.64 0.46
N LEU A 52 9.31 -6.39 -0.41
CA LEU A 52 9.41 -7.85 -0.40
C LEU A 52 10.49 -8.25 -1.39
N GLY A 53 11.63 -8.69 -0.86
CA GLY A 53 12.69 -9.19 -1.70
C GLY A 53 12.30 -10.49 -2.34
N GLN A 54 13.08 -10.86 -3.35
CA GLN A 54 12.95 -12.16 -4.00
C GLN A 54 14.13 -13.07 -3.68
N GLY A 55 14.84 -12.79 -2.59
CA GLY A 55 15.95 -13.66 -2.23
C GLY A 55 17.06 -13.64 -3.24
N THR A 56 17.23 -12.53 -3.95
CA THR A 56 18.19 -12.42 -5.04
C THR A 56 18.40 -10.95 -5.37
N THR A 57 19.58 -10.65 -5.91
CA THR A 57 19.84 -9.39 -6.55
C THR A 57 19.41 -9.47 -8.03
N LEU A 58 19.34 -8.31 -8.68
CA LEU A 58 18.86 -8.27 -10.06
C LEU A 58 19.87 -8.85 -11.03
N ASN A 59 21.13 -8.39 -10.98
CA ASN A 59 22.16 -8.96 -11.85
C ASN A 59 22.67 -10.25 -11.20
N ASN A 60 21.96 -11.34 -11.48
CA ASN A 60 22.06 -12.55 -10.68
C ASN A 60 21.22 -13.62 -11.38
N VAL A 61 21.78 -14.81 -11.59
CA VAL A 61 21.02 -15.88 -12.24
C VAL A 61 19.69 -16.11 -11.55
N HIS A 62 19.61 -15.80 -10.26
CA HIS A 62 18.38 -16.12 -9.54
C HIS A 62 17.29 -15.07 -9.75
N SER A 63 17.54 -14.03 -10.54
CA SER A 63 16.47 -13.06 -10.82
C SER A 63 15.47 -13.56 -11.87
N ASN A 64 15.84 -14.58 -12.66
CA ASN A 64 14.90 -15.19 -13.59
C ASN A 64 13.63 -15.60 -12.86
N ASN A 65 12.48 -15.32 -13.46
CA ASN A 65 11.18 -15.79 -12.95
C ASN A 65 10.77 -15.12 -11.66
N THR A 66 11.32 -13.95 -11.34
CA THR A 66 10.91 -13.27 -10.13
C THR A 66 9.54 -12.59 -10.27
N VAL A 67 8.84 -12.78 -11.39
CA VAL A 67 7.44 -12.38 -11.46
C VAL A 67 6.61 -13.18 -10.46
N ARG A 68 7.11 -14.35 -10.05
CA ARG A 68 6.37 -15.23 -9.13
C ARG A 68 6.09 -14.51 -7.81
N ASP A 69 4.86 -14.70 -7.31
CA ASP A 69 4.35 -13.90 -6.20
C ASP A 69 4.84 -14.40 -4.84
N ARG A 70 4.87 -15.71 -4.62
CA ARG A 70 5.14 -16.28 -3.31
C ARG A 70 6.18 -17.38 -3.47
N THR A 71 7.34 -17.20 -2.82
CA THR A 71 8.35 -18.24 -2.70
C THR A 71 8.85 -18.27 -1.27
N PRO A 72 9.48 -19.38 -0.86
CA PRO A 72 10.08 -19.43 0.48
C PRO A 72 11.28 -18.49 0.66
N TYR A 73 11.73 -17.81 -0.40
CA TYR A 73 12.92 -16.97 -0.34
C TYR A 73 12.59 -15.50 -0.19
N ARG A 74 11.32 -15.12 -0.24
CA ARG A 74 10.97 -13.72 -0.09
C ARG A 74 11.07 -13.31 1.38
N THR A 75 11.65 -12.13 1.58
CA THR A 75 11.85 -11.56 2.91
C THR A 75 11.51 -10.08 2.87
N LEU A 76 11.09 -9.56 4.02
CA LEU A 76 10.79 -8.14 4.16
C LEU A 76 12.10 -7.38 4.38
N LEU A 77 12.41 -6.48 3.45
CA LEU A 77 13.60 -5.62 3.52
C LEU A 77 13.25 -4.29 4.19
N MET A 78 14.24 -3.70 4.87
CA MET A 78 14.03 -2.45 5.58
C MET A 78 15.32 -1.62 5.58
N ASN A 79 15.27 -0.43 4.98
CA ASN A 79 16.36 0.53 5.00
C ASN A 79 15.81 1.91 5.34
N GLU A 80 16.68 2.83 5.71
CA GLU A 80 16.20 4.20 5.81
C GLU A 80 15.71 4.64 4.42
N LEU A 81 14.66 5.45 4.42
CA LEU A 81 14.10 5.91 3.17
C LEU A 81 15.18 6.58 2.33
N GLY A 82 15.31 6.15 1.08
CA GLY A 82 16.28 6.74 0.18
C GLY A 82 17.59 5.98 0.11
N VAL A 83 17.81 5.01 0.99
CA VAL A 83 18.90 4.06 0.86
C VAL A 83 18.39 2.92 -0.01
N PRO A 84 18.91 2.73 -1.22
CA PRO A 84 18.42 1.63 -2.05
C PRO A 84 18.78 0.31 -1.37
N PHE A 85 18.10 -0.75 -1.80
CA PHE A 85 18.22 -2.07 -1.16
C PHE A 85 19.50 -2.76 -1.66
N HIS A 86 20.61 -2.38 -1.04
CA HIS A 86 21.94 -2.91 -1.36
C HIS A 86 22.18 -4.18 -0.54
N LEU A 87 23.39 -4.75 -0.63
CA LEU A 87 23.61 -6.06 -0.02
C LEU A 87 23.70 -6.00 1.50
N GLY A 88 23.81 -4.82 2.09
CA GLY A 88 23.78 -4.71 3.54
C GLY A 88 22.41 -4.42 4.11
N THR A 89 21.36 -4.49 3.28
CA THR A 89 19.99 -4.36 3.75
C THR A 89 19.61 -5.50 4.70
N LYS A 90 18.94 -5.13 5.79
CA LYS A 90 18.45 -6.11 6.74
C LYS A 90 17.15 -6.73 6.24
N GLN A 91 17.10 -8.07 6.21
CA GLN A 91 15.87 -8.83 6.01
C GLN A 91 15.26 -9.05 7.38
N VAL A 92 14.18 -8.32 7.68
CA VAL A 92 13.61 -8.32 9.03
C VAL A 92 12.72 -9.52 9.30
N CYS A 93 12.30 -10.27 8.29
CA CYS A 93 11.47 -11.46 8.52
C CYS A 93 11.24 -12.15 7.18
N ILE A 94 10.71 -13.37 7.25
CA ILE A 94 10.33 -14.15 6.08
C ILE A 94 8.91 -13.75 5.69
N ALA A 95 8.71 -13.38 4.42
CA ALA A 95 7.40 -12.88 4.05
C ALA A 95 7.21 -12.80 2.55
N TRP A 96 6.05 -13.28 2.06
CA TRP A 96 5.60 -12.91 0.73
C TRP A 96 4.39 -11.98 0.81
N SER A 97 4.03 -11.52 2.01
CA SER A 97 3.02 -10.50 2.25
C SER A 97 3.31 -9.94 3.64
N SER A 98 3.19 -8.61 3.81
CA SER A 98 3.58 -8.03 5.08
C SER A 98 2.90 -6.70 5.35
N SER A 99 3.08 -6.25 6.58
CA SER A 99 2.74 -4.90 7.03
C SER A 99 3.61 -4.59 8.24
N SER A 100 4.11 -3.36 8.35
CA SER A 100 4.90 -2.96 9.51
C SER A 100 4.44 -1.60 10.02
N CYS A 101 4.65 -1.36 11.31
CA CYS A 101 4.39 -0.05 11.87
C CYS A 101 5.18 0.11 13.16
N HIS A 102 5.34 1.36 13.58
CA HIS A 102 6.03 1.72 14.81
C HIS A 102 5.00 2.33 15.77
N ASP A 103 4.99 1.86 17.01
CA ASP A 103 3.96 2.33 17.94
C ASP A 103 4.44 3.48 18.81
N GLY A 104 5.57 4.08 18.45
CA GLY A 104 6.21 5.09 19.26
C GLY A 104 7.33 4.54 20.13
N LYS A 105 7.27 3.26 20.46
CA LYS A 105 8.31 2.58 21.22
C LYS A 105 9.11 1.60 20.38
N ALA A 106 8.46 0.80 19.54
CA ALA A 106 9.22 -0.18 18.78
C ALA A 106 8.49 -0.54 17.49
N TRP A 107 9.21 -1.24 16.63
CA TRP A 107 8.67 -1.71 15.37
C TRP A 107 7.84 -2.97 15.55
N LEU A 108 6.69 -3.01 14.86
CA LEU A 108 5.92 -4.24 14.69
C LEU A 108 6.01 -4.65 13.22
N HIS A 109 6.36 -5.91 12.96
CA HIS A 109 6.29 -6.45 11.61
C HIS A 109 5.31 -7.62 11.60
N VAL A 110 4.46 -7.66 10.58
CA VAL A 110 3.51 -8.76 10.36
C VAL A 110 3.92 -9.46 9.07
N CYS A 111 4.29 -10.72 9.17
CA CYS A 111 5.00 -11.41 8.09
C CYS A 111 4.34 -12.74 7.80
N ILE A 112 3.88 -12.91 6.57
CA ILE A 112 3.17 -14.12 6.16
C ILE A 112 4.05 -14.88 5.18
N THR A 113 4.27 -16.17 5.45
CA THR A 113 5.03 -17.01 4.54
C THR A 113 4.52 -18.44 4.67
N GLY A 114 5.03 -19.31 3.81
CA GLY A 114 4.62 -20.70 3.82
C GLY A 114 3.68 -21.06 2.69
N ASP A 115 3.10 -22.25 2.82
CA ASP A 115 2.25 -22.81 1.78
C ASP A 115 1.03 -21.93 1.53
N ASP A 116 0.59 -21.89 0.27
CA ASP A 116 -0.60 -21.12 -0.10
C ASP A 116 -1.80 -21.49 0.78
N LYS A 117 -2.01 -22.77 1.01
CA LYS A 117 -3.20 -23.24 1.71
C LYS A 117 -3.02 -23.36 3.22
N ASN A 118 -1.90 -22.88 3.76
CA ASN A 118 -1.62 -23.10 5.18
C ASN A 118 -0.49 -22.18 5.60
N ALA A 119 -0.64 -20.90 5.25
CA ALA A 119 0.38 -19.91 5.53
C ALA A 119 0.43 -19.59 7.02
N THR A 120 1.56 -19.05 7.45
CA THR A 120 1.75 -18.60 8.83
C THR A 120 2.06 -17.11 8.86
N ALA A 121 1.34 -16.36 9.70
CA ALA A 121 1.66 -14.97 9.98
C ALA A 121 2.47 -14.91 11.28
N SER A 122 3.69 -14.38 11.19
CA SER A 122 4.51 -14.08 12.36
C SER A 122 4.33 -12.63 12.78
N PHE A 123 4.29 -12.41 14.09
CA PHE A 123 4.20 -11.08 14.67
C PHE A 123 5.48 -10.82 15.46
N ILE A 124 6.28 -9.86 14.99
CA ILE A 124 7.60 -9.57 15.54
C ILE A 124 7.58 -8.14 16.05
N TYR A 125 7.83 -7.96 17.35
CA TYR A 125 7.76 -6.67 17.99
C TYR A 125 9.06 -6.42 18.74
N ASN A 126 9.64 -5.24 18.56
CA ASN A 126 10.85 -4.88 19.27
C ASN A 126 11.91 -5.97 19.15
N GLY A 127 11.99 -6.56 17.96
CA GLY A 127 13.08 -7.44 17.60
C GLY A 127 12.95 -8.88 18.06
N ARG A 128 11.75 -9.32 18.43
CA ARG A 128 11.54 -10.70 18.86
C ARG A 128 10.14 -11.16 18.48
N LEU A 129 10.02 -12.46 18.22
CA LEU A 129 8.74 -13.05 17.86
C LEU A 129 7.85 -13.10 19.09
N VAL A 130 6.64 -12.56 18.97
CA VAL A 130 5.73 -12.48 20.10
C VAL A 130 4.45 -13.28 19.88
N ASP A 131 4.07 -13.58 18.64
CA ASP A 131 2.82 -14.28 18.39
C ASP A 131 2.84 -14.76 16.95
N SER A 132 1.87 -15.63 16.62
CA SER A 132 1.69 -16.12 15.26
C SER A 132 0.28 -16.69 15.11
N VAL A 133 -0.26 -16.60 13.90
CA VAL A 133 -1.58 -17.17 13.60
C VAL A 133 -1.50 -17.93 12.28
N VAL A 134 -2.21 -19.05 12.22
CA VAL A 134 -2.30 -19.86 11.01
C VAL A 134 -3.40 -19.30 10.11
N SER A 135 -3.25 -19.52 8.81
CA SER A 135 -4.30 -19.24 7.85
C SER A 135 -5.62 -19.82 8.34
N TRP A 136 -6.67 -18.98 8.40
CA TRP A 136 -7.98 -19.48 8.84
C TRP A 136 -8.85 -20.03 7.73
N SER A 137 -8.58 -19.68 6.47
CA SER A 137 -9.40 -20.20 5.37
C SER A 137 -8.60 -20.98 4.34
N LYS A 138 -7.30 -21.20 4.57
CA LYS A 138 -6.55 -22.16 3.78
C LYS A 138 -6.47 -21.73 2.32
N GLU A 139 -6.37 -20.42 2.10
CA GLU A 139 -6.41 -19.91 0.75
C GLU A 139 -5.72 -18.55 0.67
N ILE A 140 -4.40 -18.56 0.83
CA ILE A 140 -3.48 -17.44 0.71
C ILE A 140 -3.81 -16.33 1.72
N LEU A 141 -3.54 -16.59 2.99
CA LEU A 141 -3.56 -15.52 3.98
C LEU A 141 -2.66 -14.39 3.50
N ARG A 142 -3.17 -13.16 3.57
CA ARG A 142 -2.47 -12.03 2.96
C ARG A 142 -2.89 -10.77 3.68
N THR A 143 -2.05 -9.73 3.58
CA THR A 143 -2.30 -8.50 4.33
C THR A 143 -1.98 -7.25 3.53
N GLN A 144 -1.64 -6.15 4.21
CA GLN A 144 -1.81 -4.81 3.63
C GLN A 144 -0.76 -4.47 2.57
N GLU A 145 0.51 -4.88 2.77
CA GLU A 145 1.63 -4.44 1.95
C GLU A 145 1.90 -2.95 2.08
N SER A 146 1.52 -2.37 3.22
CA SER A 146 1.83 -0.98 3.58
C SER A 146 1.65 -0.88 5.08
N GLU A 147 1.91 0.30 5.64
CA GLU A 147 2.07 0.38 7.09
C GLU A 147 0.77 0.08 7.84
N CYS A 148 0.89 -0.60 8.98
CA CYS A 148 -0.21 -0.70 9.93
C CYS A 148 -0.24 0.57 10.77
N VAL A 149 -1.15 0.65 11.74
CA VAL A 149 -1.36 1.90 12.46
C VAL A 149 -1.54 1.57 13.94
N CYS A 150 -0.85 2.32 14.81
CA CYS A 150 -0.91 2.09 16.25
C CYS A 150 -1.40 3.33 16.96
N ILE A 151 -2.29 3.14 17.93
CA ILE A 151 -2.79 4.23 18.75
C ILE A 151 -2.75 3.77 20.20
N ASN A 152 -2.03 4.51 21.04
CA ASN A 152 -1.95 4.21 22.46
C ASN A 152 -1.41 2.81 22.71
N GLY A 153 -0.51 2.33 21.85
CA GLY A 153 0.07 1.01 22.03
C GLY A 153 -0.73 -0.14 21.45
N THR A 154 -1.86 0.14 20.82
CA THR A 154 -2.66 -0.87 20.14
C THR A 154 -2.48 -0.66 18.65
N CYS A 155 -1.91 -1.65 17.98
CA CYS A 155 -1.70 -1.63 16.54
C CYS A 155 -2.77 -2.49 15.90
N THR A 156 -3.30 -2.01 14.78
CA THR A 156 -4.31 -2.76 14.06
C THR A 156 -3.79 -3.04 12.65
N VAL A 157 -4.13 -4.22 12.12
CA VAL A 157 -3.82 -4.59 10.75
C VAL A 157 -4.99 -5.36 10.18
N VAL A 158 -5.16 -5.29 8.86
CA VAL A 158 -6.25 -5.94 8.14
C VAL A 158 -5.68 -7.12 7.36
N MET A 159 -6.33 -8.27 7.45
CA MET A 159 -5.82 -9.49 6.82
C MET A 159 -6.95 -10.22 6.14
N THR A 160 -6.64 -10.85 5.00
CA THR A 160 -7.67 -11.53 4.23
C THR A 160 -7.21 -12.94 3.90
N ASP A 161 -8.16 -13.87 3.91
CA ASP A 161 -7.89 -15.26 3.61
C ASP A 161 -9.06 -15.77 2.80
N GLY A 162 -8.77 -16.39 1.67
CA GLY A 162 -9.82 -16.93 0.82
C GLY A 162 -9.76 -16.39 -0.60
N SER A 163 -10.85 -16.62 -1.30
CA SER A 163 -10.90 -16.41 -2.75
C SER A 163 -10.52 -14.99 -3.13
N ALA A 164 -9.90 -14.88 -4.30
CA ALA A 164 -9.61 -13.58 -4.90
C ALA A 164 -10.71 -13.11 -5.86
N SER A 165 -11.76 -13.91 -6.05
CA SER A 165 -12.83 -13.64 -6.99
C SER A 165 -14.19 -13.98 -6.39
N GLY A 166 -14.34 -13.77 -5.10
CA GLY A 166 -15.59 -14.09 -4.43
C GLY A 166 -15.46 -13.75 -2.97
N LYS A 167 -16.53 -14.00 -2.24
CA LYS A 167 -16.52 -13.67 -0.81
C LYS A 167 -15.32 -14.31 -0.15
N ALA A 168 -14.56 -13.51 0.60
CA ALA A 168 -13.40 -13.97 1.33
C ALA A 168 -13.63 -13.70 2.81
N ASP A 169 -12.66 -14.12 3.63
CA ASP A 169 -12.68 -13.96 5.08
C ASP A 169 -11.64 -12.92 5.45
N THR A 170 -12.11 -11.71 5.73
CA THR A 170 -11.28 -10.61 6.18
C THR A 170 -11.41 -10.44 7.69
N LYS A 171 -10.28 -10.21 8.35
CA LYS A 171 -10.25 -10.04 9.79
C LYS A 171 -9.36 -8.87 10.12
N ILE A 172 -9.69 -8.17 11.20
CA ILE A 172 -8.92 -7.01 11.64
C ILE A 172 -8.35 -7.36 12.99
N LEU A 173 -7.03 -7.37 13.09
CA LEU A 173 -6.31 -7.80 14.27
C LEU A 173 -5.86 -6.61 15.09
N PHE A 174 -5.88 -6.79 16.40
CA PHE A 174 -5.46 -5.78 17.37
C PHE A 174 -4.29 -6.34 18.15
N ILE A 175 -3.12 -5.72 17.99
CA ILE A 175 -1.85 -6.26 18.45
C ILE A 175 -1.20 -5.25 19.39
N GLU A 176 -0.82 -5.72 20.57
CA GLU A 176 -0.24 -4.86 21.61
C GLU A 176 1.11 -5.45 21.99
N GLU A 177 2.18 -4.71 21.67
CA GLU A 177 3.53 -5.20 21.91
C GLU A 177 3.76 -6.54 21.25
N GLY A 178 3.19 -6.73 20.07
CA GLY A 178 3.37 -7.94 19.31
C GLY A 178 2.41 -9.07 19.61
N LYS A 179 1.59 -8.96 20.66
CA LYS A 179 0.63 -10.00 21.06
C LYS A 179 -0.74 -9.68 20.46
N ILE A 180 -1.34 -10.66 19.79
CA ILE A 180 -2.70 -10.45 19.29
C ILE A 180 -3.65 -10.44 20.49
N VAL A 181 -4.22 -9.27 20.79
CA VAL A 181 -5.13 -9.17 21.93
C VAL A 181 -6.60 -9.29 21.54
N HIS A 182 -6.93 -9.22 20.25
CA HIS A 182 -8.32 -9.39 19.82
C HIS A 182 -8.37 -9.47 18.31
N THR A 183 -9.38 -10.18 17.81
CA THR A 183 -9.57 -10.32 16.37
C THR A 183 -11.03 -10.02 16.07
N SER A 184 -11.26 -9.11 15.13
CA SER A 184 -12.60 -8.77 14.70
C SER A 184 -12.79 -9.19 13.25
N THR A 185 -14.01 -9.65 12.94
CA THR A 185 -14.36 -9.99 11.57
C THR A 185 -14.82 -8.75 10.81
N LEU A 186 -14.40 -8.66 9.55
CA LEU A 186 -14.89 -7.57 8.72
C LEU A 186 -16.41 -7.55 8.74
N SER A 187 -16.97 -6.35 8.84
CA SER A 187 -18.41 -6.14 8.90
C SER A 187 -18.74 -4.92 8.06
N GLY A 188 -20.01 -4.74 7.74
CA GLY A 188 -20.42 -3.63 6.90
C GLY A 188 -20.62 -4.03 5.45
N SER A 189 -20.60 -3.03 4.56
CA SER A 189 -21.02 -3.31 3.19
C SER A 189 -19.88 -3.48 2.19
N ALA A 190 -18.62 -3.39 2.63
CA ALA A 190 -17.53 -3.78 1.74
C ALA A 190 -17.64 -5.27 1.44
N GLN A 191 -17.61 -5.61 0.14
CA GLN A 191 -17.83 -7.00 -0.24
C GLN A 191 -16.54 -7.77 -0.53
N HIS A 192 -15.43 -7.07 -0.74
CA HIS A 192 -14.13 -7.72 -0.94
C HIS A 192 -13.04 -6.72 -0.61
N VAL A 193 -12.09 -7.14 0.23
CA VAL A 193 -11.12 -6.24 0.83
C VAL A 193 -9.74 -6.88 0.75
N GLU A 194 -8.80 -6.19 0.08
CA GLU A 194 -7.40 -6.60 0.04
C GLU A 194 -6.52 -5.37 0.17
N GLU A 195 -5.28 -5.62 0.61
CA GLU A 195 -4.19 -4.66 0.51
C GLU A 195 -4.63 -3.27 0.98
N CYS A 196 -5.11 -3.21 2.22
CA CYS A 196 -5.62 -1.95 2.73
C CYS A 196 -4.49 -0.95 2.96
N SER A 197 -4.71 0.30 2.53
CA SER A 197 -3.86 1.43 2.90
C SER A 197 -4.54 2.17 4.04
N CYS A 198 -3.99 2.03 5.24
CA CYS A 198 -4.62 2.58 6.44
C CYS A 198 -3.85 3.80 6.94
N TYR A 199 -4.56 4.66 7.68
CA TYR A 199 -3.96 5.83 8.30
C TYR A 199 -4.65 6.13 9.62
N PRO A 200 -3.96 6.81 10.53
CA PRO A 200 -4.62 7.28 11.76
C PRO A 200 -5.64 8.35 11.45
N ARG A 201 -6.82 8.25 12.07
CA ARG A 201 -7.87 9.25 12.00
C ARG A 201 -8.44 9.31 13.42
N TYR A 202 -7.70 9.96 14.30
CA TYR A 202 -8.01 9.87 15.72
C TYR A 202 -9.49 10.15 15.96
N PRO A 203 -10.16 9.41 16.86
CA PRO A 203 -9.59 8.37 17.72
C PRO A 203 -9.52 6.97 17.10
N GLY A 204 -9.68 6.86 15.79
CA GLY A 204 -9.72 5.55 15.16
C GLY A 204 -8.73 5.39 14.02
N VAL A 205 -8.93 4.34 13.24
CA VAL A 205 -8.08 4.02 12.09
C VAL A 205 -8.99 3.84 10.89
N ARG A 206 -8.60 4.43 9.76
CA ARG A 206 -9.39 4.38 8.54
C ARG A 206 -8.53 3.81 7.42
N CYS A 207 -9.15 2.99 6.58
CA CYS A 207 -8.43 2.28 5.52
C CYS A 207 -9.19 2.42 4.22
N VAL A 208 -8.44 2.52 3.13
CA VAL A 208 -8.98 2.46 1.78
C VAL A 208 -8.24 1.32 1.10
N CYS A 209 -8.98 0.41 0.48
CA CYS A 209 -8.41 -0.89 0.16
C CYS A 209 -8.62 -1.22 -1.32
N ARG A 210 -8.52 -2.50 -1.62
CA ARG A 210 -8.64 -3.03 -2.97
C ARG A 210 -9.75 -4.08 -2.97
N ASP A 211 -10.78 -3.86 -3.78
CA ASP A 211 -11.80 -4.85 -4.06
C ASP A 211 -11.38 -5.59 -5.32
N ASN A 212 -11.06 -6.89 -5.18
CA ASN A 212 -10.56 -7.67 -6.31
C ASN A 212 -11.66 -8.42 -7.03
N TRP A 213 -12.90 -8.28 -6.55
CA TRP A 213 -14.02 -9.09 -7.00
C TRP A 213 -14.93 -8.30 -7.93
N LYS A 214 -15.75 -7.40 -7.40
CA LYS A 214 -16.74 -6.70 -8.21
C LYS A 214 -16.59 -5.18 -8.25
N GLY A 215 -15.59 -4.61 -7.58
CA GLY A 215 -15.51 -3.17 -7.40
C GLY A 215 -14.32 -2.55 -8.12
N SER A 216 -14.60 -1.50 -8.90
CA SER A 216 -13.52 -0.59 -9.27
C SER A 216 -13.54 0.71 -8.46
N ASN A 217 -14.58 0.94 -7.67
CA ASN A 217 -14.48 1.83 -6.52
C ASN A 217 -13.79 1.10 -5.37
N ARG A 218 -13.09 1.86 -4.51
CA ARG A 218 -12.28 1.24 -3.46
C ARG A 218 -13.06 1.07 -2.16
N PRO A 219 -12.94 -0.04 -1.46
CA PRO A 219 -13.63 -0.17 -0.18
C PRO A 219 -12.98 0.69 0.88
N ILE A 220 -13.78 1.04 1.87
CA ILE A 220 -13.34 1.75 3.06
C ILE A 220 -13.58 0.82 4.26
N VAL A 221 -12.61 0.72 5.14
CA VAL A 221 -12.77 0.00 6.40
C VAL A 221 -12.45 0.95 7.54
N ASP A 222 -13.37 1.09 8.48
CA ASP A 222 -13.20 1.97 9.64
C ASP A 222 -13.06 1.13 10.90
N ILE A 223 -12.01 1.37 11.67
CA ILE A 223 -11.60 0.50 12.78
C ILE A 223 -11.65 1.32 14.06
N ASN A 224 -12.49 0.89 15.00
CA ASN A 224 -12.57 1.49 16.33
C ASN A 224 -11.59 0.75 17.22
N ILE A 225 -10.53 1.44 17.64
CA ILE A 225 -9.45 0.81 18.40
C ILE A 225 -9.88 0.47 19.83
N LYS A 226 -10.89 1.15 20.37
CA LYS A 226 -11.29 0.91 21.74
C LYS A 226 -12.24 -0.29 21.85
N ASP A 227 -13.37 -0.26 21.14
CA ASP A 227 -14.35 -1.33 21.26
C ASP A 227 -14.23 -2.38 20.15
N HIS A 228 -13.21 -2.27 19.30
CA HIS A 228 -12.86 -3.26 18.27
C HIS A 228 -13.93 -3.41 17.19
N SER A 229 -14.90 -2.50 17.12
CA SER A 229 -15.95 -2.64 16.13
C SER A 229 -15.46 -2.20 14.75
N ILE A 230 -16.09 -2.75 13.72
CA ILE A 230 -15.71 -2.54 12.33
C ILE A 230 -16.93 -2.08 11.54
N VAL A 231 -16.76 -1.08 10.67
CA VAL A 231 -17.76 -0.77 9.67
C VAL A 231 -17.02 -0.62 8.35
N SER A 232 -17.76 -0.71 7.24
CA SER A 232 -17.10 -0.64 5.94
C SER A 232 -18.07 -0.16 4.87
N SER A 233 -17.50 0.34 3.78
CA SER A 233 -18.26 0.87 2.65
C SER A 233 -17.33 1.07 1.46
N TYR A 234 -17.70 1.94 0.53
CA TYR A 234 -16.87 2.23 -0.63
C TYR A 234 -16.67 3.74 -0.75
N VAL A 235 -15.52 4.13 -1.31
CA VAL A 235 -15.27 5.54 -1.64
C VAL A 235 -16.35 6.01 -2.60
N CYS A 236 -17.16 6.98 -2.17
CA CYS A 236 -18.30 7.41 -2.98
C CYS A 236 -17.84 7.92 -4.35
N SER A 237 -16.81 8.75 -4.37
CA SER A 237 -16.35 9.47 -5.56
C SER A 237 -16.69 8.80 -6.89
N GLY A 238 -17.43 9.49 -7.75
CA GLY A 238 -17.73 8.98 -9.08
C GLY A 238 -16.50 8.76 -9.94
N LEU A 239 -15.40 9.41 -9.62
CA LEU A 239 -14.09 9.09 -10.20
C LEU A 239 -13.44 8.04 -9.30
N VAL A 240 -13.29 6.82 -9.81
CA VAL A 240 -12.93 5.65 -9.01
C VAL A 240 -11.44 5.38 -9.15
N GLY A 241 -10.85 4.78 -8.11
CA GLY A 241 -9.39 4.71 -8.01
C GLY A 241 -8.71 3.38 -8.25
N ASP A 242 -9.45 2.34 -8.65
CA ASP A 242 -8.88 1.03 -8.91
C ASP A 242 -8.40 0.91 -10.36
N THR A 243 -7.61 -0.12 -10.63
CA THR A 243 -7.24 -0.49 -11.98
C THR A 243 -7.37 -2.01 -12.10
N PRO A 244 -8.22 -2.52 -13.00
CA PRO A 244 -8.92 -1.74 -14.03
C PRO A 244 -10.18 -1.00 -13.53
N ARG A 245 -10.77 -0.26 -14.46
CA ARG A 245 -11.93 0.58 -14.23
C ARG A 245 -12.36 1.13 -15.59
N LYS A 246 -13.61 1.60 -15.65
CA LYS A 246 -14.11 2.26 -16.85
C LYS A 246 -13.52 3.67 -16.98
N ASN A 247 -13.60 4.22 -18.19
CA ASN A 247 -13.04 5.55 -18.40
C ASN A 247 -13.83 6.58 -17.61
N ASP A 248 -13.24 7.78 -17.46
CA ASP A 248 -13.81 8.82 -16.59
C ASP A 248 -15.22 9.21 -17.00
N SER A 249 -15.49 9.28 -18.30
CA SER A 249 -16.78 9.82 -18.72
C SER A 249 -17.93 8.90 -18.36
N SER A 250 -17.68 7.59 -18.30
CA SER A 250 -18.76 6.62 -18.12
C SER A 250 -18.66 5.79 -16.85
N SER A 251 -17.67 6.03 -16.00
CA SER A 251 -17.61 5.30 -14.75
C SER A 251 -18.68 5.82 -13.78
N SER A 252 -19.09 4.95 -12.86
CA SER A 252 -19.97 5.36 -11.78
C SER A 252 -19.48 4.72 -10.48
N SER A 253 -20.07 5.14 -9.36
CA SER A 253 -19.68 4.59 -8.07
C SER A 253 -20.93 4.47 -7.20
N HIS A 254 -20.69 4.16 -5.93
CA HIS A 254 -21.75 3.93 -4.96
C HIS A 254 -21.08 3.95 -3.58
N CYS A 255 -21.75 4.58 -2.61
CA CYS A 255 -21.12 4.74 -1.30
C CYS A 255 -21.07 3.44 -0.51
N LEU A 256 -21.95 2.49 -0.81
CA LEU A 256 -22.09 1.28 -0.01
C LEU A 256 -21.72 0.00 -0.73
N ASP A 257 -21.87 -0.07 -2.05
CA ASP A 257 -21.73 -1.31 -2.80
C ASP A 257 -20.61 -1.19 -3.83
N PRO A 258 -20.02 -2.32 -4.23
CA PRO A 258 -19.10 -2.28 -5.38
C PRO A 258 -19.85 -1.91 -6.64
N ASN A 259 -19.19 -1.19 -7.54
CA ASN A 259 -19.90 -0.63 -8.69
C ASN A 259 -20.08 -1.60 -9.84
N ASN A 260 -19.51 -2.80 -9.79
CA ASN A 260 -19.69 -3.78 -10.87
C ASN A 260 -19.21 -3.24 -12.22
N GLU A 261 -18.14 -2.44 -12.20
CA GLU A 261 -17.56 -1.88 -13.42
C GLU A 261 -16.10 -2.30 -13.47
N GLU A 262 -15.81 -3.28 -14.34
CA GLU A 262 -14.48 -3.85 -14.44
C GLU A 262 -13.93 -4.20 -13.06
N GLY A 263 -14.79 -4.79 -12.22
CA GLY A 263 -14.44 -4.97 -10.82
C GLY A 263 -13.37 -6.00 -10.59
N GLY A 264 -13.31 -7.04 -11.42
CA GLY A 264 -12.33 -8.09 -11.23
C GLY A 264 -10.91 -7.54 -11.20
N HIS A 265 -10.05 -8.20 -10.44
CA HIS A 265 -8.66 -7.78 -10.33
C HIS A 265 -8.60 -6.40 -9.68
N GLY A 266 -7.43 -5.78 -9.64
CA GLY A 266 -7.29 -4.46 -9.08
C GLY A 266 -5.82 -4.14 -8.91
N VAL A 267 -5.55 -3.15 -8.06
CA VAL A 267 -4.18 -2.78 -7.70
C VAL A 267 -4.25 -2.04 -6.37
N LYS A 268 -3.23 -2.25 -5.53
CA LYS A 268 -3.19 -1.57 -4.24
C LYS A 268 -3.13 -0.07 -4.45
N GLY A 269 -4.00 0.66 -3.76
CA GLY A 269 -4.12 2.09 -3.88
C GLY A 269 -4.52 2.72 -2.56
N TRP A 270 -4.74 4.03 -2.59
CA TRP A 270 -5.02 4.78 -1.36
C TRP A 270 -5.96 5.96 -1.67
N ALA A 271 -6.54 6.51 -0.61
CA ALA A 271 -7.36 7.71 -0.65
C ALA A 271 -7.56 8.15 0.79
N PHE A 272 -7.88 9.43 0.99
CA PHE A 272 -8.18 9.91 2.34
C PHE A 272 -9.13 11.09 2.29
N ASP A 273 -9.99 11.17 3.31
CA ASP A 273 -11.00 12.22 3.40
C ASP A 273 -10.38 13.54 3.84
N ASP A 274 -10.98 14.63 3.35
CA ASP A 274 -10.65 16.00 3.75
C ASP A 274 -12.00 16.74 3.78
N GLY A 275 -12.64 16.74 4.94
CA GLY A 275 -14.03 17.16 4.95
C GLY A 275 -14.85 16.18 4.13
N ASN A 276 -15.79 16.72 3.32
CA ASN A 276 -16.54 15.90 2.38
C ASN A 276 -15.78 15.67 1.07
N ASP A 277 -14.59 16.24 0.92
CA ASP A 277 -13.77 15.98 -0.26
C ASP A 277 -12.88 14.77 -0.01
N VAL A 278 -12.30 14.25 -1.10
CA VAL A 278 -11.42 13.09 -1.03
C VAL A 278 -10.17 13.36 -1.86
N TRP A 279 -8.99 13.16 -1.26
CA TRP A 279 -7.74 13.12 -2.00
C TRP A 279 -7.48 11.66 -2.40
N MET A 280 -7.10 11.45 -3.65
CA MET A 280 -6.85 10.09 -4.09
C MET A 280 -5.80 10.08 -5.19
N GLY A 281 -5.13 8.94 -5.31
CA GLY A 281 -4.23 8.66 -6.41
C GLY A 281 -4.78 7.51 -7.23
N ARG A 282 -4.27 7.34 -8.44
CA ARG A 282 -4.64 6.19 -9.27
C ARG A 282 -3.72 6.21 -10.47
N THR A 283 -3.65 5.07 -11.17
CA THR A 283 -2.90 5.02 -12.41
C THR A 283 -3.61 5.87 -13.46
N ILE A 284 -2.84 6.34 -14.45
CA ILE A 284 -3.49 7.17 -15.47
C ILE A 284 -4.24 6.29 -16.47
N SER A 285 -3.66 5.15 -16.86
CA SER A 285 -4.42 4.19 -17.65
C SER A 285 -5.54 3.58 -16.81
N GLU A 286 -6.71 3.42 -17.44
CA GLU A 286 -7.81 2.73 -16.80
C GLU A 286 -7.67 1.22 -16.85
N LYS A 287 -6.78 0.70 -17.69
CA LYS A 287 -6.68 -0.73 -17.90
C LYS A 287 -5.40 -1.35 -17.36
N SER A 288 -4.29 -0.62 -17.34
CA SER A 288 -3.05 -1.20 -16.86
C SER A 288 -2.32 -0.21 -15.97
N ARG A 289 -1.22 -0.69 -15.40
CA ARG A 289 -0.46 0.06 -14.41
C ARG A 289 0.55 0.98 -15.10
N LEU A 290 -0.01 1.97 -15.77
CA LEU A 290 0.73 2.97 -16.53
C LEU A 290 0.39 4.34 -15.98
N GLY A 291 1.43 5.12 -15.67
CA GLY A 291 1.22 6.45 -15.17
C GLY A 291 0.67 6.48 -13.76
N TYR A 292 0.68 7.66 -13.15
CA TYR A 292 0.13 7.84 -11.81
C TYR A 292 -0.19 9.31 -11.62
N GLU A 293 -1.38 9.58 -11.10
CA GLU A 293 -1.90 10.92 -10.90
C GLU A 293 -2.57 11.01 -9.54
N THR A 294 -2.60 12.22 -8.99
CA THR A 294 -3.35 12.53 -7.78
C THR A 294 -4.28 13.70 -8.06
N PHE A 295 -5.38 13.77 -7.31
CA PHE A 295 -6.26 14.92 -7.40
C PHE A 295 -7.23 14.88 -6.24
N LYS A 296 -7.97 15.97 -6.09
CA LYS A 296 -9.02 16.08 -5.08
C LYS A 296 -10.36 16.02 -5.79
N VAL A 297 -11.28 15.22 -5.27
CA VAL A 297 -12.64 15.17 -5.79
C VAL A 297 -13.52 15.95 -4.83
N ILE A 298 -14.06 17.07 -5.29
CA ILE A 298 -14.94 17.90 -4.48
C ILE A 298 -16.21 17.12 -4.15
N GLU A 299 -16.56 17.08 -2.87
CA GLU A 299 -17.68 16.27 -2.40
C GLU A 299 -17.51 14.81 -2.76
N GLY A 300 -16.26 14.40 -3.03
CA GLY A 300 -15.98 13.06 -3.51
C GLY A 300 -16.00 12.01 -2.43
N TRP A 301 -15.95 12.41 -1.17
CA TRP A 301 -16.03 11.46 -0.08
C TRP A 301 -17.46 11.18 0.34
N SER A 302 -18.40 12.09 0.05
CA SER A 302 -19.77 11.92 0.48
C SER A 302 -20.77 11.83 -0.65
N ASN A 303 -20.39 12.15 -1.89
CA ASN A 303 -21.35 12.22 -2.99
C ASN A 303 -20.92 11.31 -4.13
N PRO A 304 -21.60 10.17 -4.36
CA PRO A 304 -21.18 9.28 -5.45
C PRO A 304 -21.43 9.83 -6.85
N LYS A 305 -22.09 10.99 -6.99
CA LYS A 305 -22.30 11.61 -8.29
C LYS A 305 -21.20 12.62 -8.67
N SER A 306 -20.22 12.88 -7.83
CA SER A 306 -19.25 13.92 -8.11
C SER A 306 -18.09 13.33 -8.91
N LYS A 307 -17.86 13.88 -10.11
CA LYS A 307 -16.62 13.67 -10.85
C LYS A 307 -15.90 15.01 -11.03
N LEU A 308 -16.04 15.89 -10.04
CA LEU A 308 -15.51 17.24 -10.10
C LEU A 308 -14.14 17.26 -9.43
N GLN A 309 -13.09 17.03 -10.22
CA GLN A 309 -11.74 16.99 -9.66
C GLN A 309 -11.04 18.33 -9.79
N ILE A 310 -10.08 18.57 -8.91
CA ILE A 310 -9.26 19.77 -8.96
C ILE A 310 -7.91 19.43 -8.35
N ASN A 311 -6.91 20.24 -8.69
CA ASN A 311 -5.57 20.06 -8.15
C ASN A 311 -4.93 18.76 -8.63
N ARG A 312 -5.21 18.34 -9.86
CA ARG A 312 -4.51 17.19 -10.41
C ARG A 312 -3.00 17.40 -10.38
N GLN A 313 -2.26 16.33 -10.07
CA GLN A 313 -0.81 16.32 -10.27
C GLN A 313 -0.43 15.02 -10.96
N VAL A 314 0.39 15.13 -12.00
CA VAL A 314 1.01 13.96 -12.60
C VAL A 314 2.22 13.59 -11.76
N ILE A 315 2.22 12.36 -11.23
CA ILE A 315 3.40 11.85 -10.53
C ILE A 315 4.28 11.04 -11.48
N VAL A 316 3.66 10.20 -12.31
CA VAL A 316 4.36 9.45 -13.35
C VAL A 316 3.56 9.62 -14.64
N ASP A 317 4.24 10.05 -15.69
CA ASP A 317 3.57 10.33 -16.95
C ASP A 317 3.01 9.04 -17.56
N ARG A 318 1.94 9.18 -18.34
CA ARG A 318 1.19 8.04 -18.85
C ARG A 318 2.05 7.06 -19.64
N GLY A 319 3.21 7.49 -20.14
CA GLY A 319 4.07 6.62 -20.91
C GLY A 319 5.00 5.74 -20.10
N ASN A 320 4.98 5.83 -18.78
CA ASN A 320 5.88 5.07 -17.94
C ASN A 320 5.09 4.21 -16.97
N ARG A 321 5.74 3.14 -16.51
CA ARG A 321 5.06 2.15 -15.69
C ARG A 321 4.95 2.63 -14.25
N SER A 322 3.82 2.34 -13.63
CA SER A 322 3.69 2.56 -12.20
C SER A 322 3.47 1.20 -11.53
N GLY A 323 2.46 1.09 -10.68
CA GLY A 323 2.24 -0.12 -9.93
C GLY A 323 1.49 0.20 -8.64
N TYR A 324 1.86 -0.50 -7.57
CA TYR A 324 1.23 -0.28 -6.28
C TYR A 324 1.47 1.13 -5.76
N SER A 325 0.56 1.58 -4.92
CA SER A 325 0.77 2.81 -4.18
C SER A 325 0.08 2.65 -2.83
N GLY A 326 0.59 3.34 -1.83
CA GLY A 326 -0.02 3.27 -0.52
C GLY A 326 0.26 4.54 0.25
N ILE A 327 -0.44 4.69 1.35
CA ILE A 327 -0.36 5.88 2.17
C ILE A 327 0.54 5.61 3.38
N PHE A 328 1.22 6.64 3.86
CA PHE A 328 1.77 6.63 5.20
C PHE A 328 1.54 8.00 5.82
N SER A 329 1.50 8.04 7.15
CA SER A 329 1.23 9.27 7.88
C SER A 329 2.44 9.62 8.74
N VAL A 330 2.72 10.92 8.82
CA VAL A 330 3.92 11.46 9.44
C VAL A 330 3.48 12.58 10.36
N GLU A 331 3.85 12.50 11.64
CA GLU A 331 3.41 13.49 12.60
C GLU A 331 4.27 14.75 12.51
N GLY A 332 3.62 15.90 12.30
CA GLY A 332 4.28 17.18 12.35
C GLY A 332 4.03 17.86 13.69
N LYS A 333 4.64 19.05 13.81
CA LYS A 333 4.54 19.80 15.04
C LYS A 333 3.09 20.00 15.45
N SER A 334 2.23 20.33 14.49
CA SER A 334 0.85 20.72 14.79
C SER A 334 -0.21 19.81 14.19
N CYS A 335 0.15 18.89 13.31
CA CYS A 335 -0.86 18.16 12.55
C CYS A 335 -0.26 16.88 12.01
N ILE A 336 -1.14 15.96 11.65
CA ILE A 336 -0.71 14.72 11.00
C ILE A 336 -0.78 14.92 9.49
N ASN A 337 0.31 14.58 8.83
CA ASN A 337 0.43 14.75 7.38
C ASN A 337 0.26 13.40 6.71
N ARG A 338 -0.14 13.47 5.43
CA ARG A 338 -0.39 12.28 4.62
C ARG A 338 0.64 12.24 3.49
N CYS A 339 1.28 11.10 3.32
CA CYS A 339 2.24 10.90 2.25
C CYS A 339 1.88 9.61 1.51
N PHE A 340 2.43 9.44 0.31
CA PHE A 340 2.23 8.20 -0.42
C PHE A 340 3.47 7.84 -1.21
N TYR A 341 3.61 6.55 -1.51
CA TYR A 341 4.67 6.02 -2.34
C TYR A 341 4.06 5.40 -3.58
N VAL A 342 4.84 5.37 -4.66
CA VAL A 342 4.45 4.71 -5.89
C VAL A 342 5.52 3.69 -6.26
N GLU A 343 5.12 2.42 -6.35
CA GLU A 343 5.96 1.35 -6.87
C GLU A 343 6.05 1.46 -8.38
N LEU A 344 7.28 1.44 -8.90
CA LEU A 344 7.56 1.60 -10.34
C LEU A 344 8.09 0.26 -10.85
N ILE A 345 7.18 -0.56 -11.38
CA ILE A 345 7.50 -1.93 -11.75
C ILE A 345 8.19 -1.95 -13.12
N ARG A 346 9.23 -2.77 -13.24
CA ARG A 346 9.90 -3.01 -14.51
C ARG A 346 10.05 -4.51 -14.71
N GLY A 347 10.02 -4.94 -15.97
CA GLY A 347 10.26 -6.34 -16.31
C GLY A 347 9.00 -7.12 -16.61
N ARG A 348 9.14 -8.45 -16.51
CA ARG A 348 8.08 -9.38 -16.89
C ARG A 348 6.85 -9.23 -16.00
N LYS A 349 5.68 -9.53 -16.55
CA LYS A 349 5.51 -10.05 -17.91
C LYS A 349 5.34 -8.96 -18.97
N GLU A 350 5.06 -7.72 -18.53
CA GLU A 350 4.73 -6.65 -19.46
C GLU A 350 5.93 -6.22 -20.31
N GLU A 351 7.14 -6.29 -19.77
CA GLU A 351 8.34 -5.97 -20.53
C GLU A 351 9.15 -7.25 -20.66
N THR A 352 9.27 -7.78 -21.88
CA THR A 352 9.93 -9.05 -22.11
C THR A 352 11.41 -8.92 -22.45
N GLU A 353 11.96 -7.70 -22.44
CA GLU A 353 13.37 -7.52 -22.74
C GLU A 353 14.28 -8.19 -21.71
N VAL A 354 13.76 -8.46 -20.51
CA VAL A 354 14.53 -9.08 -19.44
C VAL A 354 13.72 -10.24 -18.90
N LEU A 355 14.35 -11.02 -18.02
CA LEU A 355 13.72 -12.18 -17.40
C LEU A 355 13.19 -11.90 -16.00
N TRP A 356 13.65 -10.81 -15.38
CA TRP A 356 13.30 -10.51 -14.00
C TRP A 356 12.10 -9.58 -13.90
N THR A 357 11.66 -9.36 -12.67
CA THR A 357 10.57 -8.47 -12.32
C THR A 357 10.96 -7.76 -11.04
N SER A 358 11.03 -6.43 -11.05
CA SER A 358 11.44 -5.69 -9.87
C SER A 358 10.75 -4.33 -9.90
N ASN A 359 11.17 -3.44 -9.00
CA ASN A 359 10.59 -2.10 -8.94
C ASN A 359 11.59 -1.12 -8.36
N SER A 360 11.38 0.16 -8.65
CA SER A 360 11.92 1.24 -7.84
C SER A 360 10.75 1.96 -7.18
N ILE A 361 11.05 2.99 -6.39
CA ILE A 361 9.99 3.75 -5.75
C ILE A 361 10.21 5.24 -5.95
N VAL A 362 9.11 5.98 -5.86
CA VAL A 362 9.12 7.43 -5.74
C VAL A 362 8.06 7.78 -4.70
N VAL A 363 8.32 8.84 -3.94
CA VAL A 363 7.55 9.17 -2.74
C VAL A 363 7.27 10.65 -2.73
N PHE A 364 6.04 11.01 -2.35
CA PHE A 364 5.55 12.38 -2.24
C PHE A 364 4.82 12.57 -0.92
N CYS A 365 4.82 13.79 -0.40
CA CYS A 365 4.18 14.09 0.87
C CYS A 365 3.22 15.28 0.72
N GLY A 366 2.11 15.22 1.46
CA GLY A 366 1.19 16.34 1.48
C GLY A 366 1.92 17.63 1.80
N THR A 367 1.45 18.74 1.24
CA THR A 367 2.02 20.06 1.50
C THR A 367 0.88 21.06 1.65
N SER A 368 1.10 22.08 2.47
CA SER A 368 0.21 23.23 2.49
C SER A 368 0.78 24.42 1.73
N GLY A 369 1.97 24.28 1.16
CA GLY A 369 2.55 25.29 0.30
C GLY A 369 2.14 25.10 -1.14
N THR A 370 3.02 25.49 -2.03
CA THR A 370 2.76 25.42 -3.46
C THR A 370 3.77 24.49 -4.13
N TYR A 371 3.45 24.12 -5.37
CA TYR A 371 4.25 23.16 -6.12
C TYR A 371 3.97 23.35 -7.60
N GLY A 372 4.78 22.70 -8.43
CA GLY A 372 4.59 22.83 -9.86
C GLY A 372 4.31 21.51 -10.52
N THR A 373 5.04 21.18 -11.58
CA THR A 373 4.76 19.98 -12.35
C THR A 373 6.05 19.22 -12.68
N GLY A 374 5.85 17.96 -13.06
CA GLY A 374 6.96 17.13 -13.50
C GLY A 374 6.51 15.69 -13.69
N SER A 375 7.50 14.81 -13.79
CA SER A 375 7.24 13.38 -13.93
C SER A 375 8.47 12.65 -13.44
N TRP A 376 8.30 11.68 -12.56
CA TRP A 376 9.43 11.04 -11.89
C TRP A 376 9.31 9.54 -12.05
N PRO A 377 9.52 9.03 -13.27
CA PRO A 377 9.40 7.59 -13.53
C PRO A 377 10.65 6.82 -13.07
N ASP A 378 10.62 5.51 -13.33
CA ASP A 378 11.74 4.65 -12.93
C ASP A 378 13.04 5.07 -13.61
N GLY A 379 13.01 5.27 -14.92
CA GLY A 379 14.14 5.79 -15.64
C GLY A 379 15.20 4.79 -16.11
N ALA A 380 15.06 3.50 -15.79
CA ALA A 380 16.02 2.55 -16.35
C ALA A 380 15.72 2.29 -17.82
N ASP A 381 16.78 2.01 -18.57
CA ASP A 381 16.69 1.66 -19.98
C ASP A 381 16.66 0.13 -20.09
N ILE A 382 15.45 -0.43 -20.18
CA ILE A 382 15.30 -1.88 -20.07
C ILE A 382 16.07 -2.62 -21.14
N ASN A 383 16.28 -1.99 -22.29
CA ASN A 383 17.03 -2.59 -23.39
C ASN A 383 18.53 -2.68 -23.11
N LEU A 384 19.03 -2.04 -22.06
CA LEU A 384 20.44 -2.05 -21.77
C LEU A 384 20.75 -2.73 -20.45
N MET A 385 19.73 -3.25 -19.77
CA MET A 385 19.89 -3.90 -18.48
C MET A 385 20.49 -5.30 -18.64
N PRO A 386 21.10 -5.82 -17.57
CA PRO A 386 21.36 -7.27 -17.54
C PRO A 386 20.04 -8.03 -17.69
N ILE A 387 20.10 -9.14 -18.41
CA ILE A 387 18.90 -9.93 -18.72
C ILE A 387 18.42 -10.65 -17.47
#